data_5D2R
#
_entry.id   5D2R
#
_cell.length_a   52.840
_cell.length_b   66.610
_cell.length_c   144.480
_cell.angle_alpha   90.000
_cell.angle_beta   90.000
_cell.angle_gamma   90.000
#
_symmetry.space_group_name_H-M   'P 21 21 21'
#
loop_
_entity.id
_entity.type
_entity.pdbx_description
1 polymer 'Conserved hypothetical secreted protein'
2 non-polymer 'ZINC ION'
3 non-polymer 'IODIDE ION'
4 non-polymer '(2R,6R)-2-{[(R)-[(3R)-3-(acetylamino)-3-carboxypropyl](hydroxy)phosphoryl]methyl}-6-aminoheptanedioic acid'
5 water water
#
_entity_poly.entity_id   1
_entity_poly.type   'polypeptide(L)'
_entity_poly.pdbx_seq_one_letter_code
;MGSSHHHHHHSSGLVPRGSSMEMIEKAPTDLEDRDKAPHLLLLAGIQGDEPGGFNATNLFLMHYSVLKGLVEVVPVLNKP
SMLRNHRGLYGDMNRKFAALDKKDPEYPTIQEIKSLIAKPNIDAVLHLHDGGGYYRPVYVDAMLNPKRWGNCFIIDQDEV
KGAKFPNLLAFANNTIESINAHLLHPIEEYHLKNTRTAQGDTEMQKALTFYAINQKKSAFANEASKELPLASRVFYHLQA
IEGLLNQLNIPFKRDFELNPSSVHALINDKSLWAKISSLPKIPLFNLRPRLNHFPLPHNTKIPQIPIESNAYIVGLVKNK
QEVFLKYGNKLMTRLSPFYIEFDPSLEEVKMQIDNKDQMVKIGSVVEVKESFYIHAMDNIRANVIGFSVSNENKPNEAGY
TIRFKDFQKRFSLDKQERIYRIEFYKNNAFSGMILVKFV
;
_entity_poly.pdbx_strand_id   A
#
# COMPACT_ATOMS: atom_id res chain seq x y z
N SER A 20 9.50 0.49 -6.68
CA SER A 20 8.64 1.37 -7.45
C SER A 20 7.83 2.31 -6.54
N MET A 21 8.40 3.48 -6.21
CA MET A 21 7.68 4.49 -5.44
C MET A 21 7.04 5.53 -6.37
N GLU A 22 5.77 5.81 -6.12
CA GLU A 22 5.06 6.83 -6.86
C GLU A 22 4.54 7.90 -5.90
N MET A 23 4.43 9.11 -6.41
CA MET A 23 3.82 10.19 -5.64
C MET A 23 2.39 10.34 -6.13
N ILE A 24 1.47 10.45 -5.17
CA ILE A 24 0.05 10.55 -5.44
C ILE A 24 -0.43 11.84 -4.83
N GLU A 25 -1.10 12.67 -5.63
CA GLU A 25 -1.59 13.93 -5.14
C GLU A 25 -2.97 13.77 -4.51
N LYS A 26 -3.14 14.36 -3.33
N LYS A 26 -3.14 14.37 -3.33
CA LYS A 26 -4.46 14.53 -2.74
CA LYS A 26 -4.45 14.52 -2.72
C LYS A 26 -4.79 16.01 -2.79
C LYS A 26 -4.82 16.01 -2.77
N ALA A 27 -5.65 16.37 -3.73
CA ALA A 27 -5.90 17.78 -4.07
C ALA A 27 -7.38 18.15 -4.11
N PRO A 28 -7.67 19.46 -4.01
CA PRO A 28 -9.06 19.91 -4.20
C PRO A 28 -9.56 19.57 -5.59
N THR A 29 -10.87 19.40 -5.74
CA THR A 29 -11.45 19.11 -7.02
C THR A 29 -11.14 20.26 -7.98
N ASP A 30 -11.22 21.49 -7.47
CA ASP A 30 -10.91 22.65 -8.29
C ASP A 30 -9.45 23.06 -8.17
N LEU A 31 -8.76 22.98 -9.30
CA LEU A 31 -7.35 23.33 -9.42
C LEU A 31 -6.99 24.66 -8.78
N GLU A 32 -7.88 25.64 -8.93
CA GLU A 32 -7.67 26.97 -8.35
C GLU A 32 -7.50 26.93 -6.82
N ASP A 33 -8.08 25.92 -6.17
CA ASP A 33 -8.00 25.83 -4.71
C ASP A 33 -6.63 25.36 -4.20
N ARG A 34 -5.78 24.84 -5.08
CA ARG A 34 -4.48 24.35 -4.66
C ARG A 34 -3.61 25.42 -3.99
N ASP A 35 -3.70 26.66 -4.44
CA ASP A 35 -2.81 27.70 -3.92
C ASP A 35 -3.44 28.46 -2.76
N LYS A 36 -4.61 28.00 -2.30
CA LYS A 36 -5.38 28.69 -1.26
C LYS A 36 -5.05 28.20 0.16
N ALA A 37 -4.07 27.31 0.27
CA ALA A 37 -3.59 26.87 1.57
C ALA A 37 -2.25 26.15 1.38
N PRO A 38 -1.55 25.86 2.48
CA PRO A 38 -0.20 25.28 2.31
C PRO A 38 -0.17 23.89 1.67
N HIS A 39 1.04 23.47 1.32
CA HIS A 39 1.31 22.15 0.74
C HIS A 39 2.16 21.30 1.67
N LEU A 40 1.66 20.09 1.93
CA LEU A 40 2.35 19.11 2.74
C LEU A 40 2.83 17.96 1.86
N LEU A 41 4.09 17.57 2.07
CA LEU A 41 4.60 16.32 1.53
C LEU A 41 4.57 15.28 2.66
N LEU A 42 3.75 14.22 2.46
CA LEU A 42 3.59 13.11 3.40
C LEU A 42 4.26 11.84 2.88
N LEU A 43 5.19 11.32 3.69
CA LEU A 43 6.08 10.23 3.31
C LEU A 43 6.01 9.10 4.31
N ALA A 44 6.03 7.85 3.83
CA ALA A 44 6.22 6.71 4.74
C ALA A 44 6.97 5.56 4.06
N GLY A 45 7.22 4.50 4.81
CA GLY A 45 7.83 3.29 4.27
C GLY A 45 9.27 3.42 3.76
N ILE A 46 10.05 4.34 4.35
CA ILE A 46 11.47 4.44 4.01
C ILE A 46 12.19 3.22 4.58
N GLN A 47 11.61 2.63 5.62
CA GLN A 47 12.04 1.33 6.12
C GLN A 47 10.87 0.33 6.00
N GLY A 48 11.14 -0.83 5.42
CA GLY A 48 10.13 -1.79 4.99
C GLY A 48 9.43 -2.61 6.06
N ASP A 49 9.91 -2.55 7.29
CA ASP A 49 9.29 -3.22 8.41
C ASP A 49 8.63 -2.24 9.38
N GLU A 50 8.16 -1.10 8.86
CA GLU A 50 7.43 -0.12 9.67
C GLU A 50 6.03 0.13 9.06
N PRO A 51 5.14 -0.88 9.17
CA PRO A 51 3.85 -0.87 8.45
C PRO A 51 2.82 0.14 8.96
N GLY A 52 2.97 0.60 10.20
CA GLY A 52 2.07 1.65 10.65
C GLY A 52 2.09 2.82 9.69
N GLY A 53 3.29 3.25 9.29
CA GLY A 53 3.42 4.40 8.41
C GLY A 53 2.80 4.21 7.04
N PHE A 54 3.15 3.11 6.36
CA PHE A 54 2.63 2.98 4.99
C PHE A 54 1.18 2.47 4.93
N ASN A 55 0.65 1.89 6.02
CA ASN A 55 -0.80 1.65 6.09
C ASN A 55 -1.55 2.96 6.32
N ALA A 56 -0.97 3.89 7.09
CA ALA A 56 -1.59 5.17 7.30
C ALA A 56 -1.63 6.00 6.01
N THR A 57 -0.51 6.03 5.28
CA THR A 57 -0.47 6.79 4.02
C THR A 57 -1.48 6.16 3.06
N ASN A 58 -1.54 4.84 3.07
CA ASN A 58 -2.52 4.13 2.25
C ASN A 58 -3.96 4.55 2.59
N LEU A 59 -4.33 4.47 3.87
CA LEU A 59 -5.70 4.81 4.27
C LEU A 59 -5.98 6.28 4.00
N PHE A 60 -4.96 7.11 4.16
CA PHE A 60 -5.08 8.53 3.89
C PHE A 60 -5.47 8.75 2.43
N LEU A 61 -4.71 8.15 1.53
CA LEU A 61 -5.00 8.25 0.11
C LEU A 61 -6.40 7.71 -0.23
N MET A 62 -6.77 6.59 0.38
CA MET A 62 -8.03 5.92 0.01
C MET A 62 -9.30 6.58 0.56
N HIS A 63 -9.21 7.23 1.73
CA HIS A 63 -10.42 7.65 2.46
C HIS A 63 -10.49 9.11 2.92
N TYR A 64 -9.53 9.93 2.51
CA TYR A 64 -9.53 11.36 2.83
C TYR A 64 -9.70 12.20 1.59
N SER A 65 -10.14 13.43 1.81
CA SER A 65 -10.20 14.46 0.77
C SER A 65 -9.59 15.75 1.31
N VAL A 66 -8.76 16.39 0.49
CA VAL A 66 -8.15 17.66 0.80
C VAL A 66 -8.91 18.72 0.04
N LEU A 67 -9.34 19.76 0.74
CA LEU A 67 -10.33 20.70 0.20
C LEU A 67 -9.72 22.03 -0.23
N LYS A 68 -8.56 22.36 0.34
CA LYS A 68 -7.76 23.53 -0.07
C LYS A 68 -6.31 23.15 0.12
N GLY A 69 -5.41 23.73 -0.67
CA GLY A 69 -4.01 23.37 -0.59
C GLY A 69 -3.74 22.03 -1.28
N LEU A 70 -2.73 21.32 -0.81
CA LEU A 70 -2.31 20.09 -1.46
C LEU A 70 -1.57 19.20 -0.49
N VAL A 71 -1.85 17.90 -0.53
CA VAL A 71 -0.98 16.92 0.15
C VAL A 71 -0.44 15.94 -0.90
N GLU A 72 0.85 16.02 -1.13
CA GLU A 72 1.56 15.06 -1.97
C GLU A 72 1.99 13.90 -1.10
N VAL A 73 1.69 12.69 -1.53
CA VAL A 73 1.90 11.48 -0.73
C VAL A 73 2.78 10.50 -1.46
N VAL A 74 3.90 10.13 -0.85
CA VAL A 74 4.60 8.92 -1.26
C VAL A 74 4.28 7.87 -0.23
N PRO A 75 3.37 6.95 -0.58
CA PRO A 75 2.87 6.03 0.44
C PRO A 75 3.92 5.02 0.92
N VAL A 76 4.82 4.60 0.05
CA VAL A 76 5.93 3.75 0.47
C VAL A 76 7.19 4.11 -0.30
N LEU A 77 8.17 4.64 0.43
CA LEU A 77 9.41 5.10 -0.19
C LEU A 77 10.33 3.96 -0.62
N ASN A 78 10.27 2.85 0.11
CA ASN A 78 11.17 1.73 -0.04
C ASN A 78 10.37 0.46 -0.30
N LYS A 79 9.68 0.43 -1.44
CA LYS A 79 8.77 -0.69 -1.72
C LYS A 79 9.44 -2.07 -1.78
N PRO A 80 10.64 -2.17 -2.41
CA PRO A 80 11.26 -3.50 -2.40
C PRO A 80 11.48 -4.06 -1.00
N SER A 81 11.87 -3.19 -0.06
CA SER A 81 12.08 -3.64 1.32
C SER A 81 10.74 -3.94 2.00
N MET A 82 9.71 -3.14 1.70
CA MET A 82 8.39 -3.42 2.21
C MET A 82 7.94 -4.83 1.81
N LEU A 83 8.21 -5.20 0.57
CA LEU A 83 7.73 -6.48 0.03
C LEU A 83 8.40 -7.68 0.72
N ARG A 84 9.62 -7.48 1.19
CA ARG A 84 10.32 -8.50 1.96
C ARG A 84 10.35 -8.25 3.47
N ASN A 85 9.41 -7.42 3.95
CA ASN A 85 9.30 -7.13 5.39
C ASN A 85 10.66 -6.83 6.03
N HIS A 86 11.39 -5.89 5.46
CA HIS A 86 12.80 -5.71 5.79
C HIS A 86 13.07 -4.24 6.01
N ARG A 87 13.85 -3.91 7.05
CA ARG A 87 14.14 -2.52 7.34
C ARG A 87 14.80 -1.79 6.16
N GLY A 88 15.66 -2.48 5.40
CA GLY A 88 16.21 -1.92 4.18
C GLY A 88 17.13 -2.89 3.46
N LEU A 89 16.69 -3.39 2.31
CA LEU A 89 17.48 -4.36 1.56
C LEU A 89 18.86 -3.84 1.10
N TYR A 90 18.94 -2.55 0.80
CA TYR A 90 20.18 -1.95 0.29
C TYR A 90 20.79 -0.99 1.31
N GLY A 91 20.60 -1.30 2.59
CA GLY A 91 21.02 -0.42 3.66
C GLY A 91 19.86 0.43 4.18
N ASP A 92 20.11 1.22 5.23
CA ASP A 92 19.10 2.15 5.74
C ASP A 92 18.97 3.31 4.77
N MET A 93 17.84 3.34 4.06
CA MET A 93 17.58 4.40 3.11
C MET A 93 17.52 5.75 3.82
N ASN A 94 17.23 5.75 5.12
CA ASN A 94 17.22 7.03 5.86
C ASN A 94 18.58 7.42 6.42
N ARG A 95 19.64 6.86 5.85
CA ARG A 95 20.98 7.36 6.11
C ARG A 95 21.68 7.74 4.83
N LYS A 96 20.89 7.98 3.78
CA LYS A 96 21.44 8.24 2.44
C LYS A 96 21.16 9.65 1.90
N PHE A 97 20.93 10.61 2.81
CA PHE A 97 20.61 11.97 2.39
C PHE A 97 21.78 12.94 2.47
N ALA A 98 22.90 12.47 3.02
CA ALA A 98 24.14 13.27 3.07
C ALA A 98 25.11 12.69 2.03
N ALA A 99 26.29 12.27 2.46
CA ALA A 99 27.22 11.56 1.56
C ALA A 99 26.58 10.29 0.99
N LEU A 100 26.64 10.14 -0.34
CA LEU A 100 26.12 8.94 -0.99
C LEU A 100 26.84 8.66 -2.32
N ASP A 101 27.39 7.45 -2.42
CA ASP A 101 28.08 6.99 -3.64
C ASP A 101 27.10 6.82 -4.79
N LYS A 102 27.45 7.35 -5.96
CA LYS A 102 26.62 7.27 -7.17
C LYS A 102 26.23 5.84 -7.53
N LYS A 103 27.04 4.89 -7.07
CA LYS A 103 26.81 3.48 -7.40
C LYS A 103 25.85 2.80 -6.44
N ASP A 104 25.47 3.50 -5.38
CA ASP A 104 24.53 2.94 -4.44
C ASP A 104 23.24 2.63 -5.19
N PRO A 105 22.69 1.41 -5.01
CA PRO A 105 21.49 1.02 -5.78
C PRO A 105 20.29 1.97 -5.63
N GLU A 106 20.25 2.69 -4.50
CA GLU A 106 19.15 3.60 -4.19
C GLU A 106 19.50 5.04 -4.51
N TYR A 107 20.66 5.28 -5.10
CA TYR A 107 21.07 6.66 -5.39
C TYR A 107 20.02 7.37 -6.24
N PRO A 108 19.51 6.72 -7.29
CA PRO A 108 18.46 7.38 -8.07
C PRO A 108 17.17 7.69 -7.29
N THR A 109 16.71 6.76 -6.45
CA THR A 109 15.52 6.95 -5.64
C THR A 109 15.70 8.14 -4.69
N ILE A 110 16.89 8.23 -4.11
CA ILE A 110 17.19 9.32 -3.22
C ILE A 110 17.07 10.66 -3.94
N GLN A 111 17.53 10.75 -5.20
CA GLN A 111 17.44 12.00 -5.94
C GLN A 111 15.97 12.35 -6.19
N GLU A 112 15.17 11.34 -6.50
CA GLU A 112 13.74 11.55 -6.67
C GLU A 112 13.10 12.07 -5.38
N ILE A 113 13.50 11.52 -4.24
CA ILE A 113 12.95 11.95 -2.94
C ILE A 113 13.40 13.37 -2.60
N LYS A 114 14.68 13.64 -2.77
CA LYS A 114 15.20 14.99 -2.59
C LYS A 114 14.49 16.00 -3.47
N SER A 115 14.29 15.62 -4.73
CA SER A 115 13.61 16.51 -5.68
C SER A 115 12.19 16.86 -5.24
N LEU A 116 11.46 15.89 -4.70
CA LEU A 116 10.13 16.15 -4.18
C LEU A 116 10.17 17.10 -2.98
N ILE A 117 11.09 16.83 -2.08
CA ILE A 117 11.24 17.60 -0.86
C ILE A 117 11.56 19.06 -1.18
N ALA A 118 12.41 19.25 -2.16
CA ALA A 118 12.95 20.56 -2.48
C ALA A 118 12.07 21.39 -3.42
N LYS A 119 10.93 20.86 -3.86
CA LYS A 119 10.06 21.61 -4.77
C LYS A 119 9.58 22.90 -4.11
N PRO A 120 9.58 24.01 -4.85
CA PRO A 120 9.16 25.29 -4.26
C PRO A 120 7.72 25.32 -3.77
N ASN A 121 6.85 24.48 -4.32
CA ASN A 121 5.46 24.42 -3.86
C ASN A 121 5.29 23.77 -2.48
N ILE A 122 6.24 22.94 -2.08
CA ILE A 122 6.17 22.26 -0.79
C ILE A 122 6.55 23.20 0.35
N ASP A 123 5.71 23.24 1.38
CA ASP A 123 5.98 24.03 2.57
C ASP A 123 6.47 23.15 3.72
N ALA A 124 5.80 22.02 3.92
CA ALA A 124 6.05 21.18 5.08
C ALA A 124 6.21 19.72 4.65
N VAL A 125 6.95 18.95 5.47
CA VAL A 125 7.20 17.54 5.21
C VAL A 125 6.89 16.76 6.49
N LEU A 126 6.11 15.70 6.36
CA LEU A 126 5.77 14.82 7.49
C LEU A 126 6.22 13.43 7.09
N HIS A 127 7.08 12.84 7.90
CA HIS A 127 7.73 11.55 7.59
C HIS A 127 7.37 10.53 8.67
N LEU A 128 6.63 9.48 8.30
CA LEU A 128 6.08 8.52 9.24
C LEU A 128 6.99 7.29 9.46
N HIS A 129 7.11 6.86 10.72
CA HIS A 129 7.95 5.72 11.11
C HIS A 129 7.23 4.86 12.15
N ASP A 130 7.62 3.59 12.26
CA ASP A 130 7.32 2.80 13.45
C ASP A 130 8.63 2.58 14.19
N GLY A 131 8.60 2.66 15.51
CA GLY A 131 9.83 2.62 16.29
C GLY A 131 9.64 1.80 17.55
N GLY A 132 10.69 1.13 17.98
CA GLY A 132 10.60 0.21 19.08
C GLY A 132 10.44 0.96 20.40
N GLY A 133 9.80 0.31 21.37
CA GLY A 133 9.65 0.89 22.70
C GLY A 133 8.79 2.14 22.72
N TYR A 134 9.00 2.97 23.74
CA TYR A 134 8.26 4.24 23.86
C TYR A 134 9.28 5.30 24.27
N TYR A 135 9.42 6.33 23.43
CA TYR A 135 10.36 7.40 23.77
C TYR A 135 9.97 8.05 25.10
N ARG A 136 10.95 8.26 25.97
CA ARG A 136 10.78 9.12 27.13
C ARG A 136 12.00 10.03 27.21
N PRO A 137 11.79 11.30 27.59
CA PRO A 137 12.90 12.26 27.62
C PRO A 137 13.91 12.03 28.75
N VAL A 138 13.58 11.18 29.71
CA VAL A 138 14.59 10.69 30.66
C VAL A 138 14.50 9.18 30.71
N TYR A 139 15.60 8.54 31.10
CA TYR A 139 15.66 7.09 31.15
C TYR A 139 14.78 6.51 32.27
N VAL A 140 13.88 5.61 31.89
CA VAL A 140 13.04 4.90 32.87
C VAL A 140 13.47 3.43 32.93
N ASP A 141 13.41 2.72 31.80
CA ASP A 141 13.93 1.35 31.71
C ASP A 141 14.29 1.02 30.24
N ALA A 142 14.55 -0.24 29.95
CA ALA A 142 14.98 -0.64 28.60
C ALA A 142 13.93 -0.32 27.52
N MET A 143 12.65 -0.32 27.88
CA MET A 143 11.61 -0.01 26.90
C MET A 143 11.25 1.47 26.85
N LEU A 144 11.44 2.17 27.97
CA LEU A 144 11.04 3.56 28.11
C LEU A 144 12.27 4.42 28.41
N ASN A 145 12.85 5.00 27.38
CA ASN A 145 14.04 5.84 27.56
C ASN A 145 14.29 6.71 26.31
N PRO A 146 15.24 7.65 26.41
CA PRO A 146 15.47 8.58 25.30
C PRO A 146 16.06 7.95 24.04
N LYS A 147 16.59 6.74 24.15
CA LYS A 147 17.15 6.08 22.97
C LYS A 147 16.06 5.39 22.16
N ARG A 148 14.87 5.28 22.71
CA ARG A 148 13.77 4.59 22.04
C ARG A 148 12.97 5.55 21.18
N TRP A 149 12.17 4.99 20.28
CA TRP A 149 11.59 5.77 19.22
C TRP A 149 10.05 5.80 19.24
N GLY A 150 9.40 4.86 19.92
CA GLY A 150 7.96 4.78 19.80
C GLY A 150 7.18 5.96 20.36
N ASN A 151 6.10 6.32 19.66
CA ASN A 151 5.14 7.36 20.07
C ASN A 151 5.78 8.66 20.52
N CYS A 152 6.48 9.27 19.56
CA CYS A 152 6.98 10.61 19.74
C CYS A 152 6.88 11.37 18.42
N PHE A 153 6.91 12.68 18.53
CA PHE A 153 6.87 13.57 17.38
C PHE A 153 8.21 14.31 17.35
N ILE A 154 8.89 14.22 16.21
CA ILE A 154 10.31 14.56 16.12
C ILE A 154 10.61 15.77 15.25
N ILE A 155 11.47 16.64 15.77
CA ILE A 155 12.00 17.74 14.97
C ILE A 155 13.54 17.74 15.08
N ASP A 156 14.20 18.36 14.11
CA ASP A 156 15.67 18.37 14.10
C ASP A 156 16.21 19.55 14.86
N GLN A 157 15.34 20.56 15.03
CA GLN A 157 15.68 21.79 15.74
C GLN A 157 14.39 22.57 15.94
N ASP A 158 14.39 23.57 16.82
CA ASP A 158 13.14 24.20 17.19
C ASP A 158 12.66 25.27 16.20
N GLU A 159 13.53 25.68 15.28
CA GLU A 159 13.10 26.63 14.27
C GLU A 159 13.89 26.47 12.99
N VAL A 160 13.28 26.87 11.88
CA VAL A 160 13.91 26.88 10.57
C VAL A 160 13.75 28.26 9.93
N LYS A 161 14.75 29.12 10.07
CA LYS A 161 14.68 30.44 9.46
C LYS A 161 14.63 30.28 7.95
N GLY A 162 13.74 31.05 7.32
CA GLY A 162 13.59 31.00 5.87
C GLY A 162 12.38 30.22 5.42
N ALA A 163 11.89 29.35 6.30
CA ALA A 163 10.70 28.56 6.01
C ALA A 163 9.45 29.43 6.00
N LYS A 164 8.44 29.05 5.22
CA LYS A 164 7.13 29.69 5.30
C LYS A 164 6.59 29.63 6.73
N PHE A 165 6.80 28.49 7.38
CA PHE A 165 6.39 28.27 8.77
C PHE A 165 7.60 27.89 9.60
N PRO A 166 8.35 28.89 10.06
CA PRO A 166 9.64 28.62 10.73
C PRO A 166 9.53 28.02 12.14
N ASN A 167 8.37 28.08 12.79
CA ASN A 167 8.30 27.68 14.20
C ASN A 167 7.97 26.18 14.33
N LEU A 168 8.97 25.33 14.10
CA LEU A 168 8.80 23.89 14.22
C LEU A 168 8.34 23.48 15.60
N LEU A 169 8.93 24.09 16.62
CA LEU A 169 8.53 23.77 17.97
C LEU A 169 7.04 24.01 18.25
N ALA A 170 6.50 25.15 17.81
CA ALA A 170 5.11 25.47 18.10
C ALA A 170 4.17 24.49 17.39
N PHE A 171 4.47 24.20 16.11
CA PHE A 171 3.72 23.19 15.36
C PHE A 171 3.80 21.82 16.04
N ALA A 172 5.00 21.42 16.46
CA ALA A 172 5.18 20.14 17.13
C ALA A 172 4.37 20.07 18.43
N ASN A 173 4.50 21.08 19.29
CA ASN A 173 3.83 21.03 20.57
C ASN A 173 2.33 20.91 20.37
N ASN A 174 1.79 21.65 19.40
CA ASN A 174 0.35 21.67 19.17
C ASN A 174 -0.13 20.36 18.55
N THR A 175 0.68 19.75 17.70
CA THR A 175 0.33 18.47 17.10
C THR A 175 0.32 17.42 18.17
N ILE A 176 1.34 17.44 19.03
CA ILE A 176 1.45 16.52 20.15
C ILE A 176 0.23 16.64 21.08
N GLU A 177 -0.16 17.87 21.42
CA GLU A 177 -1.35 18.10 22.23
C GLU A 177 -2.60 17.51 21.57
N SER A 178 -2.73 17.69 20.26
CA SER A 178 -3.82 17.11 19.51
C SER A 178 -3.85 15.59 19.60
N ILE A 179 -2.72 14.92 19.40
CA ILE A 179 -2.68 13.46 19.52
C ILE A 179 -3.07 12.99 20.93
N ASN A 180 -2.51 13.68 21.92
CA ASN A 180 -2.63 13.26 23.31
C ASN A 180 -4.04 13.45 23.85
N ALA A 181 -4.88 14.15 23.09
CA ALA A 181 -6.29 14.23 23.40
C ALA A 181 -7.04 12.89 23.11
N HIS A 182 -6.37 11.95 22.44
CA HIS A 182 -7.01 10.73 21.95
C HIS A 182 -6.26 9.44 22.29
N LEU A 183 -5.57 9.40 23.43
CA LEU A 183 -4.80 8.23 23.84
C LEU A 183 -5.68 7.03 24.20
N LEU A 184 -5.25 5.85 23.77
CA LEU A 184 -5.97 4.61 24.02
C LEU A 184 -5.55 4.08 25.39
N HIS A 185 -4.28 4.30 25.73
CA HIS A 185 -3.75 3.97 27.05
C HIS A 185 -2.70 5.01 27.40
N PRO A 186 -2.61 5.38 28.69
CA PRO A 186 -1.67 6.44 29.07
C PRO A 186 -0.20 6.19 28.73
N ILE A 187 0.27 4.95 28.66
CA ILE A 187 1.67 4.73 28.31
C ILE A 187 1.96 5.21 26.88
N GLU A 188 0.90 5.41 26.09
CA GLU A 188 1.02 5.77 24.68
C GLU A 188 1.15 7.29 24.46
N GLU A 189 1.21 8.04 25.55
CA GLU A 189 1.33 9.49 25.49
C GLU A 189 2.52 9.93 24.63
N TYR A 190 2.28 10.88 23.74
CA TYR A 190 3.34 11.38 22.88
C TYR A 190 4.19 12.42 23.59
N HIS A 191 5.49 12.39 23.29
CA HIS A 191 6.42 13.42 23.74
C HIS A 191 7.16 13.99 22.55
N LEU A 192 7.61 15.22 22.73
CA LEU A 192 8.51 15.87 21.79
C LEU A 192 9.90 15.32 21.88
N LYS A 193 10.44 14.96 20.72
CA LYS A 193 11.82 14.54 20.60
C LYS A 193 12.51 15.48 19.61
N ASN A 194 13.20 16.46 20.13
CA ASN A 194 14.08 17.32 19.35
C ASN A 194 15.48 16.72 19.35
N THR A 195 15.93 16.24 18.18
CA THR A 195 17.23 15.56 18.10
C THR A 195 18.42 16.54 18.02
N ARG A 196 18.15 17.83 17.87
CA ARG A 196 19.21 18.86 17.81
C ARG A 196 20.31 18.40 16.86
N THR A 197 19.88 18.06 15.65
CA THR A 197 20.67 17.28 14.73
C THR A 197 21.97 17.96 14.36
N ALA A 198 21.88 19.24 14.05
CA ALA A 198 23.04 20.04 13.67
C ALA A 198 24.10 20.07 14.77
N GLN A 199 23.69 19.84 16.01
CA GLN A 199 24.63 19.77 17.13
C GLN A 199 25.00 18.33 17.49
N GLY A 200 25.61 17.61 16.54
CA GLY A 200 26.30 16.39 16.86
C GLY A 200 25.62 15.06 16.59
N ASP A 201 24.36 15.05 16.14
CA ASP A 201 23.68 13.78 15.88
C ASP A 201 24.05 13.35 14.47
N THR A 202 25.18 12.65 14.38
CA THR A 202 25.75 12.31 13.08
C THR A 202 24.82 11.40 12.26
N GLU A 203 24.06 10.54 12.92
CA GLU A 203 23.12 9.68 12.21
C GLU A 203 21.94 10.49 11.63
N MET A 204 21.36 11.37 12.41
CA MET A 204 20.23 12.15 11.92
C MET A 204 20.70 13.17 10.89
N GLN A 205 21.99 13.52 10.94
CA GLN A 205 22.55 14.39 9.90
C GLN A 205 22.47 13.73 8.49
N LYS A 206 22.32 12.41 8.45
CA LYS A 206 22.21 11.68 7.19
C LYS A 206 20.76 11.35 6.79
N ALA A 207 19.80 11.83 7.56
CA ALA A 207 18.40 11.42 7.41
C ALA A 207 17.56 12.48 6.70
N LEU A 208 16.33 12.08 6.35
CA LEU A 208 15.47 12.85 5.48
C LEU A 208 15.05 14.20 6.06
N THR A 209 14.60 14.23 7.31
CA THR A 209 14.01 15.49 7.78
C THR A 209 15.07 16.56 7.88
N PHE A 210 16.31 16.16 8.15
CA PHE A 210 17.37 17.15 8.24
C PHE A 210 17.66 17.65 6.83
N TYR A 211 17.57 16.79 5.82
CA TYR A 211 17.77 17.26 4.46
C TYR A 211 16.70 18.32 4.13
N ALA A 212 15.45 18.05 4.53
CA ALA A 212 14.32 18.94 4.29
C ALA A 212 14.45 20.32 4.96
N ILE A 213 14.87 20.32 6.23
CA ILE A 213 15.22 21.52 6.97
C ILE A 213 16.23 22.36 6.19
N ASN A 214 17.22 21.71 5.59
CA ASN A 214 18.23 22.43 4.82
C ASN A 214 17.72 22.97 3.47
N GLN A 215 16.51 22.58 3.09
CA GLN A 215 15.82 23.20 1.95
C GLN A 215 14.77 24.20 2.41
N LYS A 216 14.85 24.58 3.69
CA LYS A 216 13.97 25.55 4.32
C LYS A 216 12.49 25.12 4.28
N LYS A 217 12.30 23.82 4.45
CA LYS A 217 10.97 23.26 4.68
C LYS A 217 10.78 23.01 6.16
N SER A 218 9.55 23.17 6.62
N SER A 218 9.53 23.08 6.62
CA SER A 218 9.16 22.69 7.93
CA SER A 218 9.22 22.71 8.01
C SER A 218 9.14 21.17 7.85
C SER A 218 8.97 21.22 8.14
N ALA A 219 9.99 20.50 8.61
CA ALA A 219 10.02 19.06 8.55
C ALA A 219 9.82 18.40 9.92
N PHE A 220 9.02 17.35 9.91
CA PHE A 220 8.58 16.63 11.10
C PHE A 220 8.59 15.12 10.82
N ALA A 221 8.93 14.33 11.83
CA ALA A 221 8.70 12.88 11.77
C ALA A 221 7.75 12.45 12.88
N ASN A 222 6.86 11.52 12.57
CA ASN A 222 6.00 10.94 13.59
C ASN A 222 6.33 9.48 13.75
N GLU A 223 6.44 9.05 15.01
CA GLU A 223 6.70 7.66 15.35
C GLU A 223 5.49 7.01 16.02
N ALA A 224 5.08 5.85 15.52
CA ALA A 224 4.19 4.95 16.27
C ALA A 224 4.98 3.77 16.82
N SER A 225 4.68 3.38 18.06
CA SER A 225 5.44 2.32 18.69
C SER A 225 5.22 0.96 17.99
N LYS A 226 6.33 0.29 17.69
CA LYS A 226 6.29 -1.10 17.23
C LYS A 226 5.71 -2.05 18.29
N GLU A 227 5.62 -1.60 19.54
CA GLU A 227 4.98 -2.42 20.58
C GLU A 227 3.46 -2.49 20.38
N LEU A 228 2.91 -1.55 19.62
CA LEU A 228 1.47 -1.53 19.33
C LEU A 228 1.04 -2.46 18.20
N PRO A 229 -0.21 -2.93 18.24
CA PRO A 229 -0.89 -3.56 17.10
C PRO A 229 -1.01 -2.60 15.90
N LEU A 230 -0.98 -3.13 14.68
CA LEU A 230 -0.94 -2.27 13.50
C LEU A 230 -2.06 -1.24 13.51
N ALA A 231 -3.26 -1.66 13.90
CA ALA A 231 -4.41 -0.75 13.89
C ALA A 231 -4.17 0.45 14.81
N SER A 232 -3.53 0.20 15.95
CA SER A 232 -3.20 1.27 16.87
C SER A 232 -2.09 2.17 16.33
N ARG A 233 -1.12 1.58 15.66
CA ARG A 233 -0.07 2.40 15.06
C ARG A 233 -0.67 3.34 14.01
N VAL A 234 -1.54 2.81 13.16
CA VAL A 234 -2.11 3.60 12.09
C VAL A 234 -3.02 4.68 12.68
N PHE A 235 -3.78 4.33 13.72
CA PHE A 235 -4.60 5.30 14.42
C PHE A 235 -3.77 6.50 14.87
N TYR A 236 -2.60 6.28 15.48
CA TYR A 236 -1.80 7.39 15.97
C TYR A 236 -1.17 8.17 14.80
N HIS A 237 -0.79 7.47 13.75
CA HIS A 237 -0.20 8.14 12.61
C HIS A 237 -1.23 9.08 11.98
N LEU A 238 -2.48 8.61 11.87
CA LEU A 238 -3.55 9.47 11.35
C LEU A 238 -3.86 10.66 12.27
N GLN A 239 -3.87 10.45 13.58
CA GLN A 239 -3.96 11.58 14.54
C GLN A 239 -2.88 12.64 14.26
N ALA A 240 -1.65 12.18 14.01
CA ALA A 240 -0.53 13.09 13.79
C ALA A 240 -0.72 13.84 12.47
N ILE A 241 -1.18 13.11 11.44
CA ILE A 241 -1.43 13.73 10.14
C ILE A 241 -2.50 14.81 10.34
N GLU A 242 -3.61 14.45 11.00
CA GLU A 242 -4.71 15.38 11.16
C GLU A 242 -4.29 16.59 12.00
N GLY A 243 -3.51 16.31 13.05
CA GLY A 243 -2.96 17.36 13.89
C GLY A 243 -2.14 18.37 13.13
N LEU A 244 -1.23 17.88 12.30
CA LEU A 244 -0.38 18.76 11.51
C LEU A 244 -1.17 19.51 10.40
N LEU A 245 -2.09 18.82 9.72
CA LEU A 245 -2.93 19.50 8.75
C LEU A 245 -3.71 20.67 9.40
N ASN A 246 -4.16 20.45 10.64
CA ASN A 246 -4.87 21.50 11.38
C ASN A 246 -3.96 22.68 11.64
N GLN A 247 -2.71 22.41 11.99
CA GLN A 247 -1.75 23.48 12.26
C GLN A 247 -1.45 24.25 10.99
N LEU A 248 -1.41 23.53 9.87
CA LEU A 248 -1.10 24.12 8.57
C LEU A 248 -2.33 24.81 7.97
N ASN A 249 -3.47 24.62 8.62
CA ASN A 249 -4.77 25.02 8.05
C ASN A 249 -5.03 24.47 6.64
N ILE A 250 -4.64 23.21 6.42
CA ILE A 250 -5.07 22.47 5.25
C ILE A 250 -6.37 21.75 5.61
N PRO A 251 -7.51 22.21 5.07
CA PRO A 251 -8.77 21.58 5.43
C PRO A 251 -8.96 20.23 4.73
N PHE A 252 -9.53 19.26 5.44
CA PHE A 252 -9.69 17.91 4.94
C PHE A 252 -10.97 17.29 5.47
N LYS A 253 -11.41 16.22 4.80
CA LYS A 253 -12.48 15.34 5.25
C LYS A 253 -12.06 13.88 5.18
N ARG A 254 -12.66 13.04 6.02
CA ARG A 254 -12.60 11.59 5.84
C ARG A 254 -14.00 10.97 5.92
N ASP A 255 -14.15 9.79 5.33
CA ASP A 255 -15.46 9.14 5.23
C ASP A 255 -15.64 8.09 6.33
N PHE A 256 -14.93 8.26 7.44
CA PHE A 256 -15.01 7.33 8.54
C PHE A 256 -14.66 8.03 9.84
N GLU A 257 -14.97 7.38 10.95
CA GLU A 257 -14.73 7.90 12.28
C GLU A 257 -13.39 7.36 12.78
N LEU A 258 -12.52 8.25 13.27
CA LEU A 258 -11.15 7.85 13.60
C LEU A 258 -11.06 7.20 14.99
N ASN A 259 -11.18 5.87 15.00
CA ASN A 259 -11.00 5.08 16.20
C ASN A 259 -10.37 3.76 15.76
N PRO A 260 -9.75 3.02 16.68
CA PRO A 260 -9.06 1.80 16.30
C PRO A 260 -9.94 0.78 15.58
N SER A 261 -11.21 0.72 15.95
CA SER A 261 -12.12 -0.25 15.34
C SER A 261 -12.35 0.04 13.87
N SER A 262 -12.62 1.31 13.54
CA SER A 262 -12.79 1.69 12.15
C SER A 262 -11.48 1.49 11.36
N VAL A 263 -10.35 1.85 11.96
CA VAL A 263 -9.07 1.69 11.27
C VAL A 263 -8.83 0.23 10.93
N HIS A 264 -9.00 -0.65 11.92
CA HIS A 264 -8.89 -2.07 11.69
C HIS A 264 -9.79 -2.55 10.53
N ALA A 265 -11.03 -2.06 10.51
CA ALA A 265 -11.99 -2.44 9.48
C ALA A 265 -11.53 -1.97 8.10
N LEU A 266 -10.89 -0.79 8.03
CA LEU A 266 -10.42 -0.26 6.77
C LEU A 266 -9.14 -0.93 6.31
N ILE A 267 -8.27 -1.29 7.24
CA ILE A 267 -7.09 -2.04 6.86
C ILE A 267 -7.55 -3.39 6.27
N ASN A 268 -8.49 -4.02 6.96
CA ASN A 268 -8.99 -5.34 6.57
C ASN A 268 -10.26 -5.26 5.70
N ASP A 269 -10.23 -4.32 4.76
CA ASP A 269 -11.37 -4.00 3.90
C ASP A 269 -11.59 -5.10 2.85
N LYS A 270 -12.71 -5.80 2.94
CA LYS A 270 -12.94 -6.94 2.04
C LYS A 270 -13.27 -6.53 0.62
N SER A 271 -13.40 -5.23 0.38
CA SER A 271 -13.59 -4.74 -0.99
C SER A 271 -12.27 -4.42 -1.68
N LEU A 272 -11.15 -4.61 -0.98
CA LEU A 272 -9.84 -4.47 -1.61
C LEU A 272 -9.59 -5.59 -2.62
N TRP A 273 -8.94 -5.24 -3.73
CA TRP A 273 -8.66 -6.17 -4.80
C TRP A 273 -7.29 -5.91 -5.40
N ALA A 274 -6.82 -6.88 -6.16
CA ALA A 274 -5.59 -6.82 -6.89
C ALA A 274 -5.80 -7.32 -8.30
N LYS A 275 -5.34 -6.54 -9.27
CA LYS A 275 -5.43 -6.95 -10.66
C LYS A 275 -4.01 -7.13 -11.17
N ILE A 276 -3.66 -8.39 -11.37
CA ILE A 276 -2.35 -8.80 -11.89
C ILE A 276 -2.42 -8.91 -13.41
N SER A 277 -1.53 -8.20 -14.09
CA SER A 277 -1.52 -8.21 -15.56
C SER A 277 -2.93 -7.99 -16.11
N SER A 278 -3.33 -8.77 -17.11
CA SER A 278 -4.66 -8.64 -17.70
C SER A 278 -5.68 -9.57 -17.05
N LEU A 279 -5.26 -10.26 -15.98
CA LEU A 279 -6.17 -11.15 -15.23
C LEU A 279 -7.30 -10.36 -14.59
N PRO A 280 -8.39 -11.06 -14.18
CA PRO A 280 -9.46 -10.37 -13.44
C PRO A 280 -9.02 -9.92 -12.04
N LYS A 281 -9.73 -8.96 -11.47
CA LYS A 281 -9.48 -8.54 -10.10
C LYS A 281 -9.75 -9.71 -9.15
N ILE A 282 -8.82 -9.99 -8.24
CA ILE A 282 -9.06 -10.98 -7.22
C ILE A 282 -9.12 -10.26 -5.88
N PRO A 283 -9.99 -10.74 -4.97
CA PRO A 283 -10.02 -10.05 -3.67
C PRO A 283 -8.71 -10.24 -2.91
N LEU A 284 -8.30 -9.22 -2.15
CA LEU A 284 -7.09 -9.36 -1.38
C LEU A 284 -7.31 -10.32 -0.21
N PHE A 285 -8.44 -10.16 0.47
CA PHE A 285 -8.68 -10.90 1.70
C PHE A 285 -9.47 -12.18 1.46
N ASN A 286 -9.18 -13.16 2.32
CA ASN A 286 -9.81 -14.46 2.34
C ASN A 286 -9.54 -15.28 1.08
N LEU A 287 -8.35 -15.06 0.49
CA LEU A 287 -7.83 -15.98 -0.51
C LEU A 287 -7.35 -17.25 0.17
N ARG A 288 -7.40 -18.37 -0.56
CA ARG A 288 -6.72 -19.56 -0.10
C ARG A 288 -5.22 -19.21 0.03
N PRO A 289 -4.53 -19.88 0.96
CA PRO A 289 -3.12 -19.51 1.23
C PRO A 289 -2.21 -19.74 0.03
N ARG A 290 -2.65 -20.57 -0.91
CA ARG A 290 -1.87 -20.83 -2.11
C ARG A 290 -2.77 -21.05 -3.29
N LEU A 291 -2.42 -20.45 -4.42
CA LEU A 291 -3.17 -20.58 -5.67
C LEU A 291 -2.28 -21.28 -6.70
N ASN A 292 -2.67 -22.49 -7.08
CA ASN A 292 -1.83 -23.36 -7.93
C ASN A 292 -1.97 -23.11 -9.42
N HIS A 293 -0.92 -23.43 -10.16
CA HIS A 293 -0.89 -23.31 -11.63
C HIS A 293 -1.46 -21.97 -12.05
N PHE A 294 -0.95 -20.91 -11.44
CA PHE A 294 -1.46 -19.55 -11.65
C PHE A 294 -0.76 -18.91 -12.83
N PRO A 295 -1.50 -18.60 -13.90
CA PRO A 295 -0.81 -18.14 -15.10
C PRO A 295 -0.21 -16.74 -14.96
N LEU A 296 1.09 -16.63 -15.24
CA LEU A 296 1.77 -15.34 -15.28
C LEU A 296 2.51 -15.17 -16.63
N PRO A 297 2.64 -13.92 -17.11
CA PRO A 297 3.23 -13.65 -18.42
C PRO A 297 4.64 -14.20 -18.61
N HIS A 298 4.85 -14.73 -19.81
CA HIS A 298 6.14 -15.27 -20.24
C HIS A 298 7.23 -14.20 -20.17
N ASN A 299 8.42 -14.61 -19.75
CA ASN A 299 9.61 -13.76 -19.78
C ASN A 299 9.38 -12.32 -19.30
N THR A 300 8.71 -12.17 -18.16
CA THR A 300 8.57 -10.88 -17.52
C THR A 300 9.03 -10.99 -16.07
N LYS A 301 10.05 -10.19 -15.76
CA LYS A 301 10.49 -9.90 -14.38
C LYS A 301 9.30 -9.59 -13.48
N ILE A 302 9.23 -10.24 -12.32
CA ILE A 302 8.10 -10.03 -11.40
C ILE A 302 7.87 -8.55 -11.07
N PRO A 303 8.95 -7.79 -10.80
CA PRO A 303 8.68 -6.38 -10.51
C PRO A 303 8.06 -5.63 -11.69
N GLN A 304 8.11 -6.23 -12.87
CA GLN A 304 7.61 -5.60 -14.08
C GLN A 304 6.18 -6.02 -14.43
N ILE A 305 5.68 -7.08 -13.79
CA ILE A 305 4.30 -7.51 -14.04
C ILE A 305 3.36 -6.40 -13.60
N PRO A 306 2.53 -5.87 -14.51
CA PRO A 306 1.62 -4.83 -14.06
C PRO A 306 0.70 -5.31 -12.92
N ILE A 307 0.57 -4.48 -11.90
CA ILE A 307 -0.34 -4.82 -10.84
C ILE A 307 -1.04 -3.55 -10.37
N GLU A 308 -2.36 -3.62 -10.36
CA GLU A 308 -3.20 -2.53 -9.88
C GLU A 308 -4.06 -2.98 -8.71
N SER A 309 -4.52 -2.01 -7.92
CA SER A 309 -5.29 -2.27 -6.72
C SER A 309 -5.96 -0.97 -6.34
N ASN A 310 -7.04 -1.06 -5.57
CA ASN A 310 -7.63 0.15 -5.04
C ASN A 310 -6.86 0.58 -3.79
N ALA A 311 -5.92 -0.26 -3.33
CA ALA A 311 -4.95 0.14 -2.30
C ALA A 311 -3.62 0.53 -2.94
N TYR A 312 -2.75 1.20 -2.17
CA TYR A 312 -1.53 1.75 -2.74
C TYR A 312 -0.26 1.01 -2.33
N ILE A 313 -0.43 -0.07 -1.57
CA ILE A 313 0.72 -0.75 -0.96
C ILE A 313 0.74 -2.25 -1.29
N VAL A 314 0.19 -2.57 -2.46
CA VAL A 314 0.10 -3.95 -2.91
C VAL A 314 1.21 -4.20 -3.95
N GLY A 315 1.77 -5.39 -3.91
CA GLY A 315 2.76 -5.78 -4.88
C GLY A 315 3.04 -7.25 -4.90
N LEU A 316 3.89 -7.64 -5.86
CA LEU A 316 4.31 -9.03 -6.05
C LEU A 316 5.79 -9.16 -5.75
N VAL A 317 6.18 -10.27 -5.17
CA VAL A 317 7.59 -10.53 -4.92
C VAL A 317 7.90 -12.03 -4.96
N LYS A 318 8.96 -12.34 -5.72
CA LYS A 318 9.48 -13.70 -5.79
C LYS A 318 9.94 -14.22 -4.44
N ASN A 319 9.54 -15.46 -4.15
CA ASN A 319 10.04 -16.20 -3.02
C ASN A 319 10.23 -17.68 -3.39
N LYS A 320 11.49 -18.11 -3.53
CA LYS A 320 11.79 -19.46 -4.02
C LYS A 320 11.02 -19.68 -5.34
N GLN A 321 10.19 -20.70 -5.44
CA GLN A 321 9.46 -20.93 -6.69
C GLN A 321 8.03 -20.40 -6.63
N GLU A 322 7.73 -19.61 -5.60
CA GLU A 322 6.43 -18.96 -5.50
C GLU A 322 6.53 -17.46 -5.77
N VAL A 323 5.38 -16.85 -6.07
CA VAL A 323 5.26 -15.41 -6.13
C VAL A 323 4.22 -14.99 -5.11
N PHE A 324 4.67 -14.20 -4.13
CA PHE A 324 3.86 -13.72 -3.02
C PHE A 324 3.09 -12.47 -3.41
N LEU A 325 1.81 -12.45 -3.05
CA LEU A 325 0.97 -11.27 -3.17
C LEU A 325 0.96 -10.57 -1.81
N LYS A 326 1.53 -9.37 -1.77
CA LYS A 326 1.72 -8.64 -0.52
C LYS A 326 0.81 -7.41 -0.44
N TYR A 327 0.30 -7.16 0.76
CA TYR A 327 -0.48 -5.98 1.04
C TYR A 327 0.23 -5.39 2.24
N GLY A 328 1.11 -4.43 1.99
CA GLY A 328 2.05 -4.02 3.01
C GLY A 328 2.96 -5.17 3.41
N ASN A 329 3.08 -5.42 4.71
CA ASN A 329 3.86 -6.57 5.18
C ASN A 329 3.02 -7.83 5.25
N LYS A 330 1.73 -7.71 4.89
CA LYS A 330 0.80 -8.86 4.95
C LYS A 330 0.86 -9.75 3.69
N LEU A 331 0.94 -11.05 3.92
CA LEU A 331 0.98 -12.03 2.84
C LEU A 331 -0.43 -12.49 2.53
N MET A 332 -0.97 -12.08 1.37
CA MET A 332 -2.37 -12.36 1.09
C MET A 332 -2.57 -13.73 0.44
N THR A 333 -1.62 -14.11 -0.40
CA THR A 333 -1.58 -15.48 -0.92
C THR A 333 -0.22 -15.77 -1.56
N ARG A 334 0.05 -17.06 -1.75
CA ARG A 334 1.20 -17.55 -2.46
C ARG A 334 0.77 -18.05 -3.84
N LEU A 335 1.25 -17.42 -4.90
CA LEU A 335 1.02 -17.95 -6.25
C LEU A 335 2.08 -18.99 -6.58
N SER A 336 1.66 -20.16 -7.06
CA SER A 336 2.58 -21.10 -7.69
C SER A 336 2.44 -20.90 -9.19
N PRO A 337 3.36 -20.12 -9.78
CA PRO A 337 3.02 -19.67 -11.13
C PRO A 337 3.09 -20.73 -12.21
N PHE A 338 2.57 -20.32 -13.35
CA PHE A 338 2.57 -21.09 -14.57
C PHE A 338 2.97 -20.08 -15.64
N TYR A 339 4.24 -20.04 -16.01
CA TYR A 339 4.69 -19.01 -16.93
C TYR A 339 4.35 -19.40 -18.36
N ILE A 340 3.68 -18.49 -19.06
CA ILE A 340 3.13 -18.77 -20.38
C ILE A 340 2.95 -17.48 -21.16
N GLU A 341 2.91 -17.61 -22.48
CA GLU A 341 2.64 -16.50 -23.39
C GLU A 341 1.19 -15.99 -23.22
N PHE A 342 1.05 -14.71 -22.91
CA PHE A 342 -0.27 -14.09 -22.80
C PHE A 342 -0.71 -13.53 -24.14
N ASP A 343 -1.46 -14.34 -24.90
CA ASP A 343 -2.03 -13.92 -26.16
C ASP A 343 -3.23 -12.99 -25.92
N PRO A 344 -3.12 -11.71 -26.32
CA PRO A 344 -4.18 -10.73 -26.04
C PRO A 344 -5.29 -10.66 -27.10
N SER A 345 -5.35 -11.63 -28.00
CA SER A 345 -6.29 -11.57 -29.12
C SER A 345 -7.73 -11.73 -28.67
N LEU A 346 -7.96 -12.62 -27.72
CA LEU A 346 -9.31 -12.90 -27.23
C LEU A 346 -9.79 -11.81 -26.28
N GLU A 347 -10.76 -11.03 -26.74
CA GLU A 347 -11.21 -9.87 -25.99
C GLU A 347 -12.49 -10.15 -25.20
N GLU A 348 -13.30 -11.07 -25.72
CA GLU A 348 -14.56 -11.41 -25.09
C GLU A 348 -15.02 -12.82 -25.45
N VAL A 349 -15.87 -13.38 -24.59
CA VAL A 349 -16.32 -14.75 -24.72
C VAL A 349 -17.84 -14.79 -24.55
N LYS A 350 -18.50 -15.62 -25.35
CA LYS A 350 -19.93 -15.79 -25.24
C LYS A 350 -20.25 -16.79 -24.13
N MET A 351 -20.99 -16.32 -23.14
CA MET A 351 -21.40 -17.15 -22.00
C MET A 351 -22.88 -16.99 -21.76
N GLN A 352 -23.51 -18.06 -21.32
CA GLN A 352 -24.83 -17.99 -20.75
C GLN A 352 -24.70 -17.94 -19.24
N ILE A 353 -25.32 -16.95 -18.61
CA ILE A 353 -25.34 -16.83 -17.16
C ILE A 353 -26.77 -16.81 -16.68
N ASP A 354 -27.14 -17.79 -15.83
CA ASP A 354 -28.51 -17.94 -15.37
C ASP A 354 -29.54 -17.79 -16.52
N ASN A 355 -29.31 -18.53 -17.61
CA ASN A 355 -30.20 -18.58 -18.80
C ASN A 355 -30.05 -17.42 -19.77
N LYS A 356 -29.29 -16.39 -19.39
CA LYS A 356 -29.14 -15.21 -20.24
C LYS A 356 -27.82 -15.24 -20.98
N ASP A 357 -27.89 -15.34 -22.30
CA ASP A 357 -26.70 -15.30 -23.14
C ASP A 357 -26.14 -13.88 -23.19
N GLN A 358 -24.83 -13.76 -23.10
CA GLN A 358 -24.17 -12.47 -23.09
C GLN A 358 -22.70 -12.59 -23.40
N MET A 359 -22.10 -11.49 -23.83
CA MET A 359 -20.67 -11.44 -24.10
C MET A 359 -19.99 -10.98 -22.82
N VAL A 360 -18.95 -11.70 -22.41
CA VAL A 360 -18.25 -11.40 -21.16
C VAL A 360 -16.81 -11.09 -21.48
N LYS A 361 -16.36 -9.90 -21.09
CA LYS A 361 -15.01 -9.50 -21.47
C LYS A 361 -14.01 -10.33 -20.71
N ILE A 362 -12.94 -10.72 -21.38
CA ILE A 362 -11.84 -11.41 -20.71
C ILE A 362 -11.34 -10.50 -19.58
N GLY A 363 -11.02 -11.10 -18.43
CA GLY A 363 -10.61 -10.34 -17.27
C GLY A 363 -11.78 -9.81 -16.45
N SER A 364 -12.98 -10.34 -16.71
CA SER A 364 -14.18 -9.96 -15.96
C SER A 364 -14.37 -10.84 -14.74
N VAL A 365 -15.13 -10.33 -13.79
CA VAL A 365 -15.72 -11.16 -12.74
C VAL A 365 -17.22 -11.13 -12.99
N VAL A 366 -17.84 -12.31 -13.07
CA VAL A 366 -19.27 -12.39 -13.31
C VAL A 366 -19.94 -13.12 -12.15
N GLU A 367 -21.05 -12.54 -11.69
CA GLU A 367 -21.81 -13.13 -10.61
C GLU A 367 -22.82 -14.12 -11.15
N VAL A 368 -22.90 -15.29 -10.51
CA VAL A 368 -23.74 -16.41 -10.95
C VAL A 368 -24.66 -16.85 -9.81
N LYS A 369 -25.97 -16.86 -10.07
CA LYS A 369 -26.96 -17.29 -9.07
C LYS A 369 -27.27 -18.78 -9.12
N GLU A 370 -27.27 -19.35 -10.32
CA GLU A 370 -27.68 -20.73 -10.52
C GLU A 370 -26.69 -21.50 -11.41
N SER A 371 -26.37 -20.94 -12.57
CA SER A 371 -25.66 -21.70 -13.59
C SER A 371 -24.95 -20.84 -14.61
N PHE A 372 -24.01 -21.45 -15.33
CA PHE A 372 -23.44 -20.79 -16.49
C PHE A 372 -23.03 -21.84 -17.51
N TYR A 373 -22.79 -21.38 -18.73
CA TYR A 373 -22.48 -22.24 -19.87
C TYR A 373 -21.58 -21.43 -20.79
N ILE A 374 -20.45 -22.00 -21.18
CA ILE A 374 -19.51 -21.34 -22.09
C ILE A 374 -19.75 -21.86 -23.50
N HIS A 375 -19.98 -20.94 -24.43
CA HIS A 375 -20.18 -21.34 -25.83
C HIS A 375 -18.85 -21.72 -26.44
N ALA A 376 -18.87 -22.80 -27.21
CA ALA A 376 -17.68 -23.31 -27.87
C ALA A 376 -17.10 -22.24 -28.81
N MET A 377 -15.79 -22.28 -28.96
CA MET A 377 -15.08 -21.37 -29.83
C MET A 377 -14.16 -22.21 -30.70
N ASP A 378 -13.87 -21.74 -31.90
CA ASP A 378 -13.15 -22.55 -32.87
C ASP A 378 -11.76 -22.97 -32.35
N ASN A 379 -10.90 -22.00 -32.07
CA ASN A 379 -9.52 -22.29 -31.71
C ASN A 379 -9.19 -21.95 -30.26
N ILE A 380 -10.22 -21.89 -29.44
CA ILE A 380 -10.09 -21.55 -28.02
C ILE A 380 -10.64 -22.68 -27.17
N ARG A 381 -9.83 -23.21 -26.26
CA ARG A 381 -10.36 -24.14 -25.27
C ARG A 381 -10.53 -23.45 -23.92
N ALA A 382 -11.55 -23.87 -23.18
CA ALA A 382 -11.81 -23.32 -21.84
C ALA A 382 -11.64 -24.39 -20.76
N ASN A 383 -10.85 -24.08 -19.73
CA ASN A 383 -10.71 -24.92 -18.55
C ASN A 383 -11.38 -24.28 -17.35
N VAL A 384 -12.48 -24.88 -16.89
CA VAL A 384 -13.13 -24.44 -15.66
C VAL A 384 -12.43 -25.10 -14.48
N ILE A 385 -11.65 -24.30 -13.74
CA ILE A 385 -10.80 -24.84 -12.69
C ILE A 385 -11.63 -25.26 -11.47
N GLY A 386 -11.72 -26.56 -11.23
CA GLY A 386 -12.57 -27.10 -10.18
C GLY A 386 -13.72 -27.92 -10.74
N PHE A 387 -13.83 -27.95 -12.06
CA PHE A 387 -14.84 -28.72 -12.78
C PHE A 387 -14.11 -29.67 -13.71
N SER A 388 -14.66 -30.87 -13.87
CA SER A 388 -14.08 -31.84 -14.80
C SER A 388 -15.12 -32.85 -15.25
N VAL A 389 -14.90 -33.39 -16.45
CA VAL A 389 -15.77 -34.39 -17.06
C VAL A 389 -14.98 -35.69 -17.26
N SER A 390 -13.82 -35.56 -17.91
CA SER A 390 -12.87 -36.65 -18.06
C SER A 390 -11.67 -36.38 -17.17
N ASN A 391 -10.47 -36.72 -17.64
CA ASN A 391 -9.25 -36.50 -16.88
C ASN A 391 -8.07 -36.13 -17.79
N GLU A 392 -8.36 -35.39 -18.85
CA GLU A 392 -7.34 -34.92 -19.77
C GLU A 392 -6.53 -33.78 -19.16
N ASN A 393 -5.25 -33.71 -19.51
CA ASN A 393 -4.35 -32.67 -18.99
C ASN A 393 -4.47 -31.37 -19.77
N LYS A 394 -5.29 -31.37 -20.83
CA LYS A 394 -5.64 -30.15 -21.56
C LYS A 394 -7.09 -30.26 -22.05
N PRO A 395 -8.06 -30.08 -21.14
CA PRO A 395 -9.48 -30.27 -21.44
C PRO A 395 -10.16 -29.06 -22.09
N ASN A 396 -11.33 -29.29 -22.69
CA ASN A 396 -12.20 -28.22 -23.15
C ASN A 396 -13.59 -28.40 -22.54
N GLU A 397 -13.98 -27.45 -21.70
CA GLU A 397 -15.19 -27.56 -20.92
C GLU A 397 -16.24 -26.53 -21.34
N ALA A 398 -16.09 -25.98 -22.53
CA ALA A 398 -17.19 -25.29 -23.20
C ALA A 398 -18.27 -26.33 -23.48
N GLY A 399 -19.51 -25.89 -23.67
CA GLY A 399 -20.59 -26.80 -24.03
C GLY A 399 -21.20 -27.52 -22.83
N TYR A 400 -20.81 -27.14 -21.61
CA TYR A 400 -21.34 -27.75 -20.38
C TYR A 400 -22.14 -26.74 -19.54
N THR A 401 -23.32 -27.14 -19.11
CA THR A 401 -24.11 -26.33 -18.21
C THR A 401 -23.67 -26.69 -16.82
N ILE A 402 -23.15 -25.68 -16.11
CA ILE A 402 -22.41 -25.89 -14.87
C ILE A 402 -23.08 -25.15 -13.73
N ARG A 403 -23.31 -25.88 -12.63
CA ARG A 403 -23.85 -25.31 -11.41
C ARG A 403 -22.86 -25.45 -10.26
N PHE A 404 -23.13 -24.75 -9.18
CA PHE A 404 -22.26 -24.79 -7.98
C PHE A 404 -21.99 -26.21 -7.49
N LYS A 405 -23.00 -27.06 -7.50
CA LYS A 405 -22.83 -28.43 -7.01
C LYS A 405 -21.87 -29.24 -7.88
N ASP A 406 -21.57 -28.75 -9.08
CA ASP A 406 -20.61 -29.41 -9.97
C ASP A 406 -19.15 -29.11 -9.66
N PHE A 407 -18.91 -28.22 -8.69
CA PHE A 407 -17.53 -27.83 -8.39
C PHE A 407 -16.90 -28.64 -7.26
N GLN A 408 -15.63 -29.01 -7.44
CA GLN A 408 -14.82 -29.44 -6.30
C GLN A 408 -14.37 -28.16 -5.58
N LYS A 409 -14.86 -27.96 -4.36
CA LYS A 409 -14.82 -26.66 -3.71
C LYS A 409 -13.40 -26.21 -3.38
N ARG A 410 -12.46 -27.15 -3.34
CA ARG A 410 -11.10 -26.87 -2.91
C ARG A 410 -10.32 -26.13 -3.98
N PHE A 411 -10.87 -26.06 -5.18
CA PHE A 411 -10.25 -25.32 -6.27
C PHE A 411 -10.66 -23.84 -6.32
N SER A 412 -11.56 -23.45 -5.43
CA SER A 412 -11.96 -22.06 -5.34
C SER A 412 -10.75 -21.16 -5.00
N LEU A 413 -10.74 -19.94 -5.52
CA LEU A 413 -9.76 -18.92 -5.12
C LEU A 413 -9.87 -18.52 -3.64
N ASP A 414 -11.09 -18.59 -3.13
CA ASP A 414 -11.42 -18.05 -1.82
C ASP A 414 -11.71 -19.13 -0.80
N LYS A 415 -11.54 -18.79 0.47
CA LYS A 415 -11.88 -19.71 1.55
C LYS A 415 -13.39 -19.99 1.57
N GLN A 416 -14.18 -19.00 1.18
CA GLN A 416 -15.64 -19.15 1.20
C GLN A 416 -16.17 -20.06 0.08
N GLU A 417 -15.28 -20.52 -0.81
CA GLU A 417 -15.60 -21.52 -1.85
C GLU A 417 -16.63 -21.07 -2.91
N ARG A 418 -16.67 -19.76 -3.14
CA ARG A 418 -17.62 -19.15 -4.06
C ARG A 418 -17.04 -18.64 -5.39
N ILE A 419 -15.72 -18.46 -5.47
CA ILE A 419 -15.09 -17.84 -6.65
C ILE A 419 -14.20 -18.83 -7.41
N TYR A 420 -14.46 -19.00 -8.69
CA TYR A 420 -13.77 -20.01 -9.49
C TYR A 420 -13.17 -19.43 -10.75
N ARG A 421 -12.03 -19.96 -11.15
CA ARG A 421 -11.31 -19.51 -12.33
C ARG A 421 -11.82 -20.22 -13.56
N ILE A 422 -12.06 -19.45 -14.63
CA ILE A 422 -12.18 -20.02 -15.97
C ILE A 422 -11.01 -19.51 -16.85
N GLU A 423 -10.21 -20.45 -17.32
CA GLU A 423 -8.99 -20.15 -18.05
C GLU A 423 -9.08 -20.59 -19.52
N PHE A 424 -8.77 -19.65 -20.42
CA PHE A 424 -8.84 -19.90 -21.87
C PHE A 424 -7.46 -20.02 -22.50
N TYR A 425 -7.37 -20.87 -23.52
CA TYR A 425 -6.11 -21.16 -24.19
C TYR A 425 -6.27 -21.25 -25.72
N LYS A 426 -5.36 -20.60 -26.43
CA LYS A 426 -5.33 -20.60 -27.90
C LYS A 426 -4.04 -21.30 -28.33
N ASN A 427 -4.01 -22.62 -28.12
CA ASN A 427 -2.87 -23.45 -28.51
C ASN A 427 -1.58 -23.01 -27.82
N ASN A 428 -1.35 -23.52 -26.62
CA ASN A 428 -0.11 -23.29 -25.88
C ASN A 428 0.16 -21.82 -25.52
N ALA A 429 -0.85 -20.97 -25.74
CA ALA A 429 -0.82 -19.60 -25.25
C ALA A 429 -2.07 -19.37 -24.38
N PHE A 430 -1.90 -18.53 -23.36
CA PHE A 430 -2.97 -18.16 -22.46
C PHE A 430 -3.78 -17.01 -23.06
N SER A 431 -5.08 -17.22 -23.24
CA SER A 431 -5.93 -16.21 -23.87
C SER A 431 -6.67 -15.35 -22.85
N GLY A 432 -6.53 -15.69 -21.57
CA GLY A 432 -7.15 -14.90 -20.53
C GLY A 432 -7.99 -15.71 -19.56
N MET A 433 -8.55 -15.00 -18.58
CA MET A 433 -9.26 -15.63 -17.49
C MET A 433 -10.48 -14.80 -17.13
N ILE A 434 -11.55 -15.52 -16.76
CA ILE A 434 -12.76 -14.92 -16.23
C ILE A 434 -13.02 -15.61 -14.89
N LEU A 435 -13.47 -14.87 -13.89
CA LEU A 435 -13.91 -15.50 -12.64
C LEU A 435 -15.44 -15.53 -12.59
N VAL A 436 -15.96 -16.64 -12.07
CA VAL A 436 -17.35 -16.71 -11.69
C VAL A 436 -17.43 -16.65 -10.15
N LYS A 437 -18.33 -15.82 -9.64
CA LYS A 437 -18.59 -15.77 -8.22
C LYS A 437 -20.02 -16.19 -7.99
N PHE A 438 -20.19 -17.28 -7.26
CA PHE A 438 -21.53 -17.77 -6.93
C PHE A 438 -22.09 -16.94 -5.78
N VAL A 439 -23.24 -16.31 -6.02
CA VAL A 439 -23.85 -15.39 -5.06
C VAL A 439 -25.24 -15.85 -4.61
#